data_3UTK
#
_entry.id   3UTK
#
_cell.length_a   49.700
_cell.length_b   53.095
_cell.length_c   98.735
_cell.angle_alpha   90.00
_cell.angle_beta   90.00
_cell.angle_gamma   90.00
#
_symmetry.space_group_name_H-M   'P 21 21 21'
#
loop_
_entity.id
_entity.type
_entity.pdbx_description
1 polymer 'Lipoprotein outS'
2 water water
#
_entity_poly.entity_id   1
_entity_poly.type   'polypeptide(L)'
_entity_poly.pdbx_seq_one_letter_code
;MHVSSLKVVLFGVCCLSLAACQTPAPVKNTASRSAASVPANEQISQLASLVAASKYLRVQCERSDLPDDGTILKTAVNVA
VQKGWDTGRYQSLPQLSENLYQGLLKDGTPKATQCSSFNRTMTPFLDAMRTVR
;
_entity_poly.pdbx_strand_id   A,B
#
# COMPACT_ATOMS: atom_id res chain seq x y z
N VAL A 38 28.10 -11.46 3.89
CA VAL A 38 27.80 -10.03 3.96
C VAL A 38 28.42 -9.40 5.20
N PRO A 39 29.29 -8.40 5.01
CA PRO A 39 29.95 -7.68 6.10
C PRO A 39 28.93 -6.98 6.99
N ALA A 40 29.30 -6.73 8.25
CA ALA A 40 28.39 -6.13 9.21
C ALA A 40 27.98 -4.71 8.84
N ASN A 41 28.88 -4.01 8.15
CA ASN A 41 28.60 -2.65 7.71
C ASN A 41 27.49 -2.63 6.67
N GLU A 42 27.63 -3.48 5.66
CA GLU A 42 26.60 -3.59 4.64
C GLU A 42 25.26 -3.95 5.27
N GLN A 43 25.29 -4.79 6.30
CA GLN A 43 24.05 -5.22 6.94
C GLN A 43 23.26 -4.06 7.54
N ILE A 44 23.91 -3.25 8.36
CA ILE A 44 23.24 -2.15 9.05
C ILE A 44 22.70 -1.11 8.08
N SER A 45 23.51 -0.76 7.09
CA SER A 45 23.10 0.19 6.05
C SER A 45 21.88 -0.31 5.29
N GLN A 46 21.83 -1.62 5.06
CA GLN A 46 20.73 -2.20 4.31
C GLN A 46 19.42 -2.12 5.09
N LEU A 47 19.47 -2.43 6.39
CA LEU A 47 18.28 -2.38 7.23
C LEU A 47 17.78 -0.95 7.38
N ALA A 48 18.72 -0.01 7.55
CA ALA A 48 18.37 1.39 7.73
C ALA A 48 17.68 1.93 6.50
N SER A 49 18.13 1.48 5.34
CA SER A 49 17.50 1.86 4.07
C SER A 49 16.04 1.40 3.99
N LEU A 50 15.76 0.20 4.48
CA LEU A 50 14.40 -0.36 4.46
C LEU A 50 13.53 0.42 5.44
N VAL A 51 14.08 0.73 6.60
CA VAL A 51 13.34 1.51 7.59
C VAL A 51 13.02 2.91 7.05
N ALA A 52 14.01 3.56 6.44
CA ALA A 52 13.84 4.89 5.85
C ALA A 52 12.79 4.90 4.75
N ALA A 53 12.84 3.91 3.86
CA ALA A 53 11.87 3.81 2.77
C ALA A 53 10.46 3.58 3.32
N SER A 54 10.35 2.74 4.35
CA SER A 54 9.08 2.51 4.99
C SER A 54 8.50 3.77 5.64
N LYS A 55 9.32 4.53 6.38
CA LYS A 55 8.83 5.78 6.97
C LYS A 55 8.43 6.76 5.87
N TYR A 56 9.21 6.80 4.79
CA TYR A 56 8.87 7.65 3.66
C TYR A 56 7.48 7.30 3.11
N LEU A 57 7.17 6.02 3.02
CA LEU A 57 5.86 5.63 2.53
C LEU A 57 4.77 6.09 3.49
N ARG A 58 4.98 5.86 4.77
CA ARG A 58 3.95 6.23 5.75
C ARG A 58 3.70 7.73 5.76
N VAL A 59 4.79 8.50 5.82
CA VAL A 59 4.67 9.95 6.04
C VAL A 59 4.44 10.73 4.75
N GLN A 60 5.20 10.42 3.70
CA GLN A 60 5.14 11.20 2.46
C GLN A 60 4.10 10.65 1.50
N CYS A 61 3.84 9.35 1.58
CA CYS A 61 2.98 8.69 0.60
C CYS A 61 1.63 8.28 1.19
N GLU A 62 1.36 8.81 2.37
CA GLU A 62 0.09 8.59 3.07
C GLU A 62 -0.24 7.10 3.22
N ARG A 63 0.77 6.26 3.32
CA ARG A 63 0.56 4.83 3.59
C ARG A 63 0.25 4.65 5.07
N SER A 64 -0.96 5.07 5.45
CA SER A 64 -1.35 5.05 6.84
C SER A 64 -1.67 3.66 7.36
N ASP A 65 -1.56 2.66 6.49
CA ASP A 65 -1.69 1.27 6.91
C ASP A 65 -0.41 0.76 7.55
N LEU A 66 0.67 1.53 7.39
CA LEU A 66 1.95 1.16 7.98
C LEU A 66 2.07 1.65 9.42
N PRO A 67 2.79 0.91 10.26
CA PRO A 67 2.92 1.17 11.70
C PRO A 67 4.01 2.19 12.02
N ASP A 68 4.21 2.42 13.32
CA ASP A 68 5.14 3.44 13.79
C ASP A 68 6.60 3.04 13.58
N ASP A 69 7.52 3.99 13.78
CA ASP A 69 8.94 3.75 13.56
C ASP A 69 9.46 2.57 14.37
N GLY A 70 8.99 2.44 15.60
CA GLY A 70 9.41 1.36 16.47
C GLY A 70 9.08 0.00 15.88
N THR A 71 7.88 -0.11 15.32
CA THR A 71 7.44 -1.37 14.72
C THR A 71 8.20 -1.65 13.43
N ILE A 72 8.40 -0.61 12.61
CA ILE A 72 9.21 -0.74 11.41
C ILE A 72 10.62 -1.23 11.76
N LEU A 73 11.21 -0.63 12.80
CA LEU A 73 12.52 -1.04 13.26
C LEU A 73 12.55 -2.50 13.71
N LYS A 74 11.54 -2.90 14.47
CA LYS A 74 11.46 -4.26 14.96
C LYS A 74 11.37 -5.23 13.79
N THR A 75 10.70 -4.80 12.72
CA THR A 75 10.58 -5.63 11.53
C THR A 75 11.94 -5.83 10.84
N ALA A 76 12.73 -4.76 10.78
CA ALA A 76 14.05 -4.85 10.19
C ALA A 76 14.94 -5.79 11.01
N VAL A 77 14.84 -5.66 12.33
CA VAL A 77 15.61 -6.54 13.20
C VAL A 77 15.20 -8.00 12.99
N ASN A 78 13.90 -8.26 12.87
CA ASN A 78 13.41 -9.62 12.64
C ASN A 78 13.90 -10.22 11.33
N VAL A 79 13.86 -9.43 10.27
CA VAL A 79 14.43 -9.86 9.00
C VAL A 79 15.92 -10.21 9.16
N ALA A 80 16.66 -9.38 9.90
CA ALA A 80 18.06 -9.65 10.17
C ALA A 80 18.25 -10.98 10.87
N VAL A 81 17.41 -11.27 11.87
CA VAL A 81 17.49 -12.54 12.58
C VAL A 81 17.22 -13.71 11.63
N GLN A 82 16.24 -13.53 10.75
CA GLN A 82 15.87 -14.58 9.80
C GLN A 82 16.98 -14.82 8.77
N LYS A 83 17.82 -13.82 8.56
CA LYS A 83 18.96 -13.97 7.65
C LYS A 83 20.18 -14.56 8.34
N GLY A 84 20.09 -14.74 9.67
CA GLY A 84 21.19 -15.27 10.45
C GLY A 84 22.23 -14.22 10.83
N TRP A 85 21.87 -12.95 10.72
CA TRP A 85 22.80 -11.87 11.02
C TRP A 85 22.93 -11.62 12.52
N ASP A 86 24.07 -11.04 12.92
CA ASP A 86 24.31 -10.69 14.31
C ASP A 86 23.68 -9.34 14.65
N THR A 87 22.57 -9.39 15.40
CA THR A 87 21.82 -8.17 15.72
C THR A 87 22.37 -7.50 16.98
N GLY A 88 23.53 -7.97 17.43
CA GLY A 88 24.23 -7.34 18.53
C GLY A 88 25.01 -6.14 18.04
N ARG A 89 25.45 -6.19 16.79
CA ARG A 89 26.33 -5.16 16.21
C ARG A 89 25.56 -4.03 15.58
N TYR A 90 24.26 -3.93 15.88
CA TYR A 90 23.36 -3.04 15.17
C TYR A 90 23.13 -1.67 15.84
N GLN A 91 23.89 -1.39 16.90
CA GLN A 91 23.71 -0.17 17.70
C GLN A 91 23.30 1.08 16.91
N SER A 92 23.89 1.26 15.74
CA SER A 92 23.68 2.47 14.95
C SER A 92 22.52 2.35 13.95
N LEU A 93 21.44 1.67 14.33
CA LEU A 93 20.33 1.45 13.39
C LEU A 93 19.22 2.52 13.38
N PRO A 94 18.67 2.87 14.56
CA PRO A 94 17.58 3.85 14.56
C PRO A 94 17.96 5.26 14.10
N GLN A 95 19.06 5.81 14.61
CA GLN A 95 19.51 7.12 14.16
C GLN A 95 19.87 7.11 12.67
N LEU A 96 20.53 6.04 12.23
CA LEU A 96 20.92 5.95 10.83
C LEU A 96 19.68 5.96 9.95
N SER A 97 18.64 5.27 10.41
CA SER A 97 17.38 5.19 9.66
C SER A 97 16.76 6.57 9.47
N GLU A 98 16.74 7.35 10.55
CA GLU A 98 16.19 8.69 10.51
C GLU A 98 17.03 9.60 9.61
N ASN A 99 18.35 9.46 9.68
CA ASN A 99 19.24 10.24 8.82
C ASN A 99 19.00 9.98 7.34
N LEU A 100 18.85 8.71 6.99
CA LEU A 100 18.58 8.32 5.61
C LEU A 100 17.20 8.80 5.15
N TYR A 101 16.23 8.79 6.06
CA TYR A 101 14.91 9.32 5.75
C TYR A 101 15.02 10.81 5.43
N GLN A 102 15.73 11.55 6.28
CA GLN A 102 15.91 12.97 6.03
C GLN A 102 16.63 13.20 4.69
N GLY A 103 17.54 12.30 4.35
CA GLY A 103 18.26 12.38 3.09
C GLY A 103 17.32 12.21 1.89
N LEU A 104 16.40 11.26 2.01
CA LEU A 104 15.40 11.02 0.95
C LEU A 104 14.60 12.30 0.67
N LEU A 105 14.14 12.96 1.73
CA LEU A 105 13.33 14.18 1.56
C LEU A 105 14.04 15.23 0.72
N LYS A 106 15.36 15.26 0.81
CA LYS A 106 16.15 16.33 0.18
C LYS A 106 16.91 15.91 -1.09
N ASP A 107 16.73 14.66 -1.53
CA ASP A 107 17.61 14.10 -2.56
C ASP A 107 17.26 14.49 -4.01
N GLY A 108 16.19 15.26 -4.17
CA GLY A 108 15.80 15.75 -5.48
C GLY A 108 14.85 14.89 -6.29
N THR A 109 14.45 13.74 -5.76
CA THR A 109 13.47 12.89 -6.45
C THR A 109 12.07 13.40 -6.10
N PRO A 110 11.24 13.71 -7.12
CA PRO A 110 9.91 14.24 -6.78
C PRO A 110 9.14 13.23 -5.96
N LYS A 111 8.29 13.71 -5.07
CA LYS A 111 7.54 12.84 -4.19
C LYS A 111 6.75 11.77 -4.95
N ALA A 112 6.02 12.18 -5.98
CA ALA A 112 5.20 11.22 -6.72
C ALA A 112 6.02 10.10 -7.31
N THR A 113 7.20 10.43 -7.82
CA THR A 113 8.12 9.46 -8.38
C THR A 113 8.63 8.48 -7.32
N GLN A 114 9.14 9.02 -6.21
CA GLN A 114 9.62 8.19 -5.12
C GLN A 114 8.52 7.28 -4.56
N CYS A 115 7.33 7.84 -4.35
CA CYS A 115 6.22 7.04 -3.81
C CYS A 115 5.84 5.90 -4.75
N SER A 116 5.75 6.20 -6.04
CA SER A 116 5.40 5.18 -7.01
C SER A 116 6.45 4.06 -6.99
N SER A 117 7.71 4.45 -6.90
CA SER A 117 8.80 3.48 -6.88
C SER A 117 8.79 2.60 -5.63
N PHE A 118 8.70 3.22 -4.45
CA PHE A 118 8.65 2.46 -3.19
C PHE A 118 7.40 1.57 -3.11
N ASN A 119 6.26 2.08 -3.56
CA ASN A 119 5.03 1.29 -3.54
C ASN A 119 5.16 0.05 -4.42
N ARG A 120 5.90 0.19 -5.50
CA ARG A 120 6.12 -0.91 -6.43
C ARG A 120 7.03 -1.99 -5.86
N THR A 121 8.09 -1.59 -5.14
CA THR A 121 9.17 -2.52 -4.82
C THR A 121 9.22 -3.04 -3.38
N MET A 122 8.47 -2.40 -2.48
CA MET A 122 8.66 -2.67 -1.05
C MET A 122 7.76 -3.77 -0.50
N THR A 123 6.95 -4.39 -1.35
CA THR A 123 6.00 -5.40 -0.87
C THR A 123 6.56 -6.47 0.10
N PRO A 124 7.71 -7.08 -0.22
CA PRO A 124 8.21 -8.12 0.70
C PRO A 124 8.47 -7.61 2.12
N PHE A 125 8.98 -6.39 2.24
CA PHE A 125 9.26 -5.85 3.57
C PHE A 125 7.94 -5.45 4.26
N LEU A 126 7.02 -4.84 3.52
CA LEU A 126 5.73 -4.48 4.10
C LEU A 126 4.96 -5.73 4.54
N ASP A 127 5.09 -6.82 3.78
CA ASP A 127 4.47 -8.09 4.17
C ASP A 127 5.02 -8.60 5.50
N ALA A 128 6.32 -8.47 5.68
CA ALA A 128 6.99 -8.89 6.92
C ALA A 128 6.49 -8.09 8.11
N MET A 129 6.10 -6.85 7.85
CA MET A 129 5.62 -5.96 8.89
C MET A 129 4.30 -6.41 9.51
N ARG A 130 3.48 -7.10 8.74
CA ARG A 130 2.22 -7.62 9.27
C ARG A 130 2.46 -8.62 10.38
N THR A 131 3.44 -9.48 10.19
CA THR A 131 3.73 -10.53 11.18
C THR A 131 4.21 -9.92 12.48
N VAL A 132 4.62 -8.65 12.43
CA VAL A 132 5.12 -7.95 13.61
C VAL A 132 4.00 -7.19 14.31
N VAL B 38 -29.06 -9.41 0.75
CA VAL B 38 -28.62 -8.15 0.18
C VAL B 38 -29.08 -8.01 -1.27
N PRO B 39 -29.85 -6.96 -1.56
CA PRO B 39 -30.41 -6.69 -2.89
C PRO B 39 -29.33 -6.55 -3.95
N ALA B 40 -29.68 -6.90 -5.20
CA ALA B 40 -28.73 -6.82 -6.31
C ALA B 40 -28.12 -5.44 -6.48
N ASN B 41 -28.98 -4.42 -6.52
CA ASN B 41 -28.49 -3.05 -6.69
C ASN B 41 -27.53 -2.64 -5.57
N GLU B 42 -27.77 -3.16 -4.37
CA GLU B 42 -26.91 -2.88 -3.22
C GLU B 42 -25.55 -3.57 -3.35
N GLN B 43 -25.57 -4.79 -3.90
CA GLN B 43 -24.33 -5.52 -4.17
C GLN B 43 -23.47 -4.75 -5.15
N ILE B 44 -24.07 -4.32 -6.24
CA ILE B 44 -23.34 -3.62 -7.30
C ILE B 44 -22.74 -2.31 -6.80
N SER B 45 -23.51 -1.59 -5.99
CA SER B 45 -23.05 -0.34 -5.39
C SER B 45 -21.82 -0.57 -4.53
N GLN B 46 -21.86 -1.62 -3.71
CA GLN B 46 -20.76 -1.91 -2.80
C GLN B 46 -19.50 -2.29 -3.56
N LEU B 47 -19.64 -3.13 -4.58
CA LEU B 47 -18.50 -3.56 -5.38
C LEU B 47 -17.92 -2.43 -6.23
N ALA B 48 -18.80 -1.61 -6.81
CA ALA B 48 -18.36 -0.48 -7.62
C ALA B 48 -17.55 0.50 -6.78
N SER B 49 -17.96 0.65 -5.52
CA SER B 49 -17.25 1.54 -4.61
C SER B 49 -15.84 1.03 -4.31
N LEU B 50 -15.70 -0.29 -4.20
CA LEU B 50 -14.39 -0.89 -3.94
C LEU B 50 -13.51 -0.75 -5.17
N VAL B 51 -14.09 -0.95 -6.36
CA VAL B 51 -13.34 -0.82 -7.59
C VAL B 51 -12.86 0.62 -7.81
N ALA B 52 -13.75 1.58 -7.56
CA ALA B 52 -13.42 2.99 -7.73
C ALA B 52 -12.31 3.41 -6.77
N ALA B 53 -12.39 2.92 -5.53
CA ALA B 53 -11.39 3.29 -4.52
C ALA B 53 -10.03 2.71 -4.89
N SER B 54 -10.04 1.52 -5.48
CA SER B 54 -8.80 0.87 -5.89
C SER B 54 -8.17 1.61 -7.05
N LYS B 55 -8.98 2.01 -8.03
CA LYS B 55 -8.43 2.80 -9.12
C LYS B 55 -7.91 4.13 -8.59
N TYR B 56 -8.63 4.72 -7.64
CA TYR B 56 -8.18 5.98 -7.05
C TYR B 56 -6.80 5.80 -6.44
N LEU B 57 -6.63 4.71 -5.69
CA LEU B 57 -5.33 4.44 -5.10
C LEU B 57 -4.24 4.30 -6.16
N ARG B 58 -4.51 3.55 -7.22
CA ARG B 58 -3.51 3.32 -8.26
C ARG B 58 -3.15 4.62 -8.99
N VAL B 59 -4.15 5.38 -9.41
CA VAL B 59 -3.90 6.53 -10.25
C VAL B 59 -3.57 7.79 -9.44
N GLN B 60 -4.30 8.03 -8.36
CA GLN B 60 -4.12 9.30 -7.63
C GLN B 60 -3.09 9.19 -6.52
N CYS B 61 -2.85 7.96 -6.04
CA CYS B 61 -2.05 7.76 -4.84
C CYS B 61 -0.75 6.99 -5.09
N GLU B 62 -0.40 6.86 -6.36
CA GLU B 62 0.82 6.18 -6.78
C GLU B 62 0.95 4.73 -6.28
N ARG B 63 -0.18 4.05 -6.06
CA ARG B 63 -0.14 2.64 -5.66
C ARG B 63 0.12 1.77 -6.88
N SER B 64 1.35 1.86 -7.38
CA SER B 64 1.78 1.18 -8.58
C SER B 64 1.84 -0.34 -8.42
N ASP B 65 1.68 -0.83 -7.19
CA ASP B 65 1.63 -2.26 -6.92
C ASP B 65 0.25 -2.84 -7.26
N LEU B 66 -0.71 -1.96 -7.55
CA LEU B 66 -2.07 -2.37 -7.90
C LEU B 66 -2.20 -2.59 -9.41
N PRO B 67 -3.03 -3.56 -9.81
CA PRO B 67 -3.13 -3.93 -11.23
C PRO B 67 -4.12 -3.08 -12.00
N ASP B 68 -4.37 -3.44 -13.25
CA ASP B 68 -5.24 -2.65 -14.14
C ASP B 68 -6.74 -2.77 -13.83
N ASP B 69 -7.55 -1.92 -14.45
CA ASP B 69 -8.98 -1.87 -14.16
C ASP B 69 -9.61 -3.26 -14.34
N GLY B 70 -9.22 -3.96 -15.39
CA GLY B 70 -9.84 -5.24 -15.73
C GLY B 70 -9.60 -6.25 -14.62
N THR B 71 -8.41 -6.19 -14.03
CA THR B 71 -8.07 -7.08 -12.94
C THR B 71 -8.77 -6.69 -11.65
N ILE B 72 -8.84 -5.38 -11.39
CA ILE B 72 -9.58 -4.91 -10.23
C ILE B 72 -11.03 -5.36 -10.31
N LEU B 73 -11.63 -5.24 -11.49
CA LEU B 73 -12.98 -5.72 -11.71
C LEU B 73 -13.11 -7.23 -11.49
N LYS B 74 -12.13 -7.97 -11.99
CA LYS B 74 -12.12 -9.43 -11.86
C LYS B 74 -12.07 -9.81 -10.37
N THR B 75 -11.37 -9.00 -9.58
CA THR B 75 -11.29 -9.23 -8.14
C THR B 75 -12.63 -9.00 -7.47
N ALA B 76 -13.31 -7.94 -7.87
CA ALA B 76 -14.63 -7.64 -7.32
C ALA B 76 -15.58 -8.81 -7.57
N VAL B 77 -15.56 -9.33 -8.79
CA VAL B 77 -16.40 -10.47 -9.14
C VAL B 77 -16.06 -11.69 -8.29
N ASN B 78 -14.76 -11.95 -8.09
CA ASN B 78 -14.36 -13.10 -7.28
C ASN B 78 -14.78 -12.98 -5.82
N VAL B 79 -14.69 -11.78 -5.27
CA VAL B 79 -15.14 -11.52 -3.92
C VAL B 79 -16.64 -11.76 -3.78
N ALA B 80 -17.40 -11.34 -4.80
CA ALA B 80 -18.84 -11.58 -4.84
C ALA B 80 -19.19 -13.06 -4.89
N VAL B 81 -18.41 -13.82 -5.65
CA VAL B 81 -18.67 -15.24 -5.76
C VAL B 81 -18.55 -15.92 -4.39
N GLN B 82 -17.59 -15.48 -3.59
CA GLN B 82 -17.39 -16.08 -2.27
C GLN B 82 -18.52 -15.74 -1.29
N LYS B 83 -19.20 -14.61 -1.54
CA LYS B 83 -20.33 -14.22 -0.70
C LYS B 83 -21.60 -14.95 -1.14
N GLY B 84 -21.50 -15.72 -2.22
CA GLY B 84 -22.62 -16.46 -2.74
C GLY B 84 -23.58 -15.60 -3.53
N TRP B 85 -23.08 -14.47 -4.02
CA TRP B 85 -23.89 -13.51 -4.75
C TRP B 85 -24.03 -13.89 -6.24
N ASP B 86 -25.11 -13.41 -6.86
CA ASP B 86 -25.37 -13.70 -8.28
C ASP B 86 -24.68 -12.68 -9.18
N THR B 87 -23.49 -13.03 -9.65
CA THR B 87 -22.68 -12.11 -10.45
C THR B 87 -23.19 -11.99 -11.87
N GLY B 88 -24.30 -12.66 -12.18
CA GLY B 88 -24.90 -12.57 -13.48
C GLY B 88 -25.76 -11.33 -13.64
N ARG B 89 -25.92 -10.58 -12.55
CA ARG B 89 -26.76 -9.39 -12.59
C ARG B 89 -25.93 -8.11 -12.49
N TYR B 90 -24.65 -8.23 -12.83
CA TYR B 90 -23.68 -7.15 -12.63
C TYR B 90 -23.35 -6.39 -13.92
N GLN B 91 -24.27 -6.41 -14.89
CA GLN B 91 -24.04 -5.73 -16.15
C GLN B 91 -23.52 -4.30 -15.96
N SER B 92 -24.08 -3.60 -14.98
CA SER B 92 -23.77 -2.19 -14.77
C SER B 92 -22.50 -1.92 -13.96
N LEU B 93 -21.83 -2.98 -13.52
CA LEU B 93 -20.71 -2.82 -12.58
C LEU B 93 -19.55 -1.97 -13.10
N PRO B 94 -19.06 -2.26 -14.32
CA PRO B 94 -17.92 -1.49 -14.82
C PRO B 94 -18.24 0.00 -15.00
N GLN B 95 -19.34 0.30 -15.67
CA GLN B 95 -19.70 1.70 -15.91
C GLN B 95 -19.89 2.46 -14.60
N LEU B 96 -20.57 1.83 -13.64
CA LEU B 96 -20.79 2.46 -12.34
C LEU B 96 -19.46 2.73 -11.64
N SER B 97 -18.53 1.79 -11.73
CA SER B 97 -17.23 1.93 -11.09
C SER B 97 -16.50 3.17 -11.60
N GLU B 98 -16.56 3.36 -12.91
CA GLU B 98 -15.88 4.49 -13.54
C GLU B 98 -16.56 5.81 -13.16
N ASN B 99 -17.90 5.83 -13.18
CA ASN B 99 -18.63 7.01 -12.72
C ASN B 99 -18.29 7.36 -11.28
N LEU B 100 -18.24 6.35 -10.41
CA LEU B 100 -17.88 6.61 -9.02
C LEU B 100 -16.46 7.11 -8.88
N TYR B 101 -15.55 6.59 -9.71
CA TYR B 101 -14.17 7.05 -9.71
C TYR B 101 -14.09 8.54 -10.11
N GLN B 102 -14.80 8.92 -11.15
CA GLN B 102 -14.80 10.32 -11.60
C GLN B 102 -15.43 11.21 -10.53
N GLY B 103 -16.43 10.68 -9.84
CA GLY B 103 -17.05 11.39 -8.74
C GLY B 103 -16.07 11.65 -7.61
N LEU B 104 -15.24 10.66 -7.29
CA LEU B 104 -14.19 10.86 -6.27
C LEU B 104 -13.28 12.02 -6.59
N LEU B 105 -12.86 12.14 -7.85
CA LEU B 105 -11.90 13.17 -8.25
C LEU B 105 -12.44 14.56 -7.97
N LYS B 106 -13.76 14.71 -8.04
CA LYS B 106 -14.37 16.03 -7.95
C LYS B 106 -15.13 16.28 -6.64
N ASP B 107 -15.04 15.37 -5.68
CA ASP B 107 -15.93 15.43 -4.51
C ASP B 107 -15.49 16.42 -3.41
N GLY B 108 -14.35 17.05 -3.59
CA GLY B 108 -13.91 18.08 -2.66
C GLY B 108 -13.01 17.57 -1.55
N THR B 109 -12.75 16.28 -1.51
CA THR B 109 -11.82 15.73 -0.53
C THR B 109 -10.40 15.87 -1.05
N PRO B 110 -9.50 16.55 -0.30
CA PRO B 110 -8.13 16.69 -0.79
C PRO B 110 -7.50 15.33 -1.04
N LYS B 111 -6.62 15.24 -2.05
CA LYS B 111 -5.99 13.99 -2.42
C LYS B 111 -5.26 13.31 -1.26
N ALA B 112 -4.45 14.05 -0.52
CA ALA B 112 -3.69 13.47 0.59
C ALA B 112 -4.62 12.83 1.61
N THR B 113 -5.74 13.49 1.87
CA THR B 113 -6.72 12.97 2.82
C THR B 113 -7.33 11.69 2.29
N GLN B 114 -7.79 11.74 1.05
CA GLN B 114 -8.43 10.56 0.48
C GLN B 114 -7.47 9.39 0.40
N CYS B 115 -6.25 9.67 -0.05
CA CYS B 115 -5.23 8.62 -0.13
CA CYS B 115 -5.18 8.66 -0.12
C CYS B 115 -4.93 7.99 1.23
N SER B 116 -4.80 8.81 2.27
CA SER B 116 -4.54 8.28 3.60
C SER B 116 -5.67 7.35 4.08
N SER B 117 -6.91 7.77 3.83
CA SER B 117 -8.09 7.01 4.24
C SER B 117 -8.19 5.66 3.52
N PHE B 118 -8.09 5.70 2.19
CA PHE B 118 -8.17 4.47 1.40
C PHE B 118 -7.03 3.50 1.75
N ASN B 119 -5.80 4.01 1.86
CA ASN B 119 -4.66 3.16 2.21
C ASN B 119 -4.88 2.47 3.56
N ARG B 120 -5.58 3.16 4.47
CA ARG B 120 -5.81 2.60 5.80
C ARG B 120 -6.86 1.51 5.80
N THR B 121 -7.90 1.69 4.99
CA THR B 121 -9.09 0.85 5.09
C THR B 121 -9.23 -0.23 4.03
N MET B 122 -8.46 -0.14 2.95
CA MET B 122 -8.69 -1.01 1.80
C MET B 122 -7.91 -2.32 1.80
N THR B 123 -7.08 -2.54 2.81
CA THR B 123 -6.24 -3.75 2.84
C THR B 123 -6.94 -5.08 2.48
N PRO B 124 -8.11 -5.36 3.06
CA PRO B 124 -8.71 -6.65 2.75
C PRO B 124 -9.02 -6.83 1.26
N PHE B 125 -9.46 -5.79 0.59
CA PHE B 125 -9.77 -5.90 -0.84
C PHE B 125 -8.48 -5.95 -1.65
N LEU B 126 -7.50 -5.14 -1.27
CA LEU B 126 -6.20 -5.18 -1.96
C LEU B 126 -5.54 -6.56 -1.83
N ASP B 127 -5.67 -7.18 -0.67
CA ASP B 127 -5.12 -8.52 -0.46
C ASP B 127 -5.77 -9.53 -1.42
N ALA B 128 -7.06 -9.36 -1.66
CA ALA B 128 -7.79 -10.26 -2.54
C ALA B 128 -7.33 -10.13 -3.99
N MET B 129 -6.85 -8.95 -4.37
CA MET B 129 -6.30 -8.75 -5.71
C MET B 129 -5.06 -9.61 -5.93
N ARG B 130 -4.34 -9.89 -4.84
CA ARG B 130 -3.15 -10.73 -4.94
C ARG B 130 -3.47 -12.20 -5.20
N THR B 131 -4.74 -12.58 -5.11
CA THR B 131 -5.15 -13.95 -5.37
C THR B 131 -5.73 -14.11 -6.76
N VAL B 132 -5.62 -13.07 -7.57
CA VAL B 132 -6.25 -13.04 -8.88
C VAL B 132 -5.23 -12.76 -9.98
#